data_7QGW
#
_entry.id   7QGW
#
_cell.length_a   94.24
_cell.length_b   94.24
_cell.length_c   126.96
_cell.angle_alpha   90.00
_cell.angle_beta   90.00
_cell.angle_gamma   90.00
#
_symmetry.space_group_name_H-M   'P 43 21 2'
#
loop_
_entity.id
_entity.type
_entity.pdbx_description
1 polymer 'Cathepsin L2'
2 non-polymer 'CHLORIDE ION'
3 non-polymer (4S)-2-METHYL-2,4-PENTANEDIOL
4 non-polymer GLYCEROL
5 non-polymer Calpeptin
6 water water
#
_entity_poly.entity_id   1
_entity_poly.type   'polypeptide(L)'
_entity_poly.pdbx_seq_one_letter_code
;LPKSVDWRKKGYVTPVKNQKQCGSCWAFSATGALEGQMFRKTGKLVSLSEQNLVDCSRPQGNQGCNGGFMARAFQYVKEN
GGLDSEESYPYVAVDEICKYRPENSVAQDTGFTVVAPGKEKALMKAVATVGPISVAMDAGHSSFQFYKSGIYFEPDCSSK
NLDHGVLVVGYGFEGANSQNSKYWLVKNSWGPEWGSNGYVKIAKDKNNHCGIATAASYPNV
;
_entity_poly.pdbx_strand_id   A,B
#
loop_
_chem_comp.id
_chem_comp.type
_chem_comp.name
_chem_comp.formula
CL non-polymer 'CHLORIDE ION' 'Cl -1'
GOL non-polymer GLYCEROL 'C3 H8 O3'
MPD non-polymer (4S)-2-METHYL-2,4-PENTANEDIOL 'C6 H14 O2'
RN2 non-polymer Calpeptin 'C20 H32 N2 O4'
#
# COMPACT_ATOMS: atom_id res chain seq x y z
N LEU A 1 3.81 23.36 4.68
CA LEU A 1 3.34 22.00 4.41
C LEU A 1 4.49 21.01 4.04
N PRO A 2 4.38 19.71 4.35
CA PRO A 2 5.45 18.78 4.00
C PRO A 2 5.68 18.70 2.53
N LYS A 3 6.91 18.40 2.14
CA LYS A 3 7.20 18.25 0.72
C LYS A 3 6.50 17.02 0.02
N SER A 4 6.22 16.01 0.87
CA SER A 4 5.51 14.83 0.43
C SER A 4 4.72 14.30 1.58
N VAL A 5 3.62 13.60 1.22
CA VAL A 5 2.70 12.96 2.16
C VAL A 5 2.26 11.63 1.54
N ASP A 6 2.19 10.62 2.42
CA ASP A 6 1.65 9.32 1.99
C ASP A 6 0.98 8.65 3.18
N TRP A 7 -0.38 8.84 3.28
CA TRP A 7 -1.14 8.30 4.42
C TRP A 7 -1.15 6.76 4.48
N ARG A 8 -0.83 6.10 3.35
CA ARG A 8 -0.75 4.65 3.41
C ARG A 8 0.29 4.17 4.41
N LYS A 9 1.37 4.93 4.52
CA LYS A 9 2.55 4.61 5.37
C LYS A 9 2.26 4.86 6.82
N LYS A 10 1.08 5.43 7.16
CA LYS A 10 0.68 5.71 8.52
C LYS A 10 -0.54 4.90 9.01
N GLY A 11 -1.01 3.99 8.18
CA GLY A 11 -2.06 3.06 8.59
C GLY A 11 -3.46 3.53 8.33
N TYR A 12 -3.64 4.63 7.60
CA TYR A 12 -4.96 5.24 7.33
C TYR A 12 -5.72 4.61 6.17
N VAL A 13 -5.09 3.73 5.36
CA VAL A 13 -5.71 3.29 4.10
C VAL A 13 -5.85 1.83 4.01
N THR A 14 -7.04 1.35 3.69
CA THR A 14 -7.30 -0.05 3.52
C THR A 14 -6.71 -0.58 2.19
N PRO A 15 -6.59 -1.90 2.03
CA PRO A 15 -6.10 -2.41 0.73
C PRO A 15 -7.06 -2.01 -0.40
N VAL A 16 -6.56 -2.01 -1.61
CA VAL A 16 -7.37 -1.62 -2.78
C VAL A 16 -8.51 -2.54 -3.02
N LYS A 17 -9.67 -1.96 -3.30
CA LYS A 17 -10.94 -2.69 -3.54
C LYS A 17 -11.28 -2.65 -5.02
N ASN A 18 -12.30 -3.37 -5.42
CA ASN A 18 -12.69 -3.45 -6.82
C ASN A 18 -14.21 -3.28 -6.97
N GLN A 19 -14.65 -2.22 -7.60
CA GLN A 19 -16.07 -1.98 -7.81
C GLN A 19 -16.70 -2.97 -8.81
N LYS A 20 -15.87 -3.65 -9.65
CA LYS A 20 -16.36 -4.55 -10.67
C LYS A 20 -17.36 -3.81 -11.57
N GLN A 21 -18.41 -4.50 -12.08
CA GLN A 21 -19.33 -3.89 -13.05
C GLN A 21 -20.47 -3.15 -12.45
N CYS A 22 -20.13 -2.07 -11.78
CA CYS A 22 -21.11 -1.24 -11.06
C CYS A 22 -20.53 0.14 -11.00
N GLY A 23 -21.29 1.18 -11.28
CA GLY A 23 -20.75 2.56 -11.26
C GLY A 23 -20.79 3.15 -9.85
N SER A 24 -20.07 2.48 -8.94
CA SER A 24 -20.05 2.79 -7.50
C SER A 24 -18.75 3.44 -7.05
N CYS A 25 -17.95 3.96 -7.98
CA CYS A 25 -16.68 4.63 -7.63
C CYS A 25 -16.89 5.63 -6.52
N TRP A 26 -18.00 6.41 -6.54
CA TRP A 26 -18.27 7.41 -5.54
C TRP A 26 -18.39 6.80 -4.13
N ALA A 27 -18.90 5.58 -4.04
CA ALA A 27 -19.06 4.96 -2.75
C ALA A 27 -17.70 4.52 -2.21
N PHE A 28 -16.81 4.02 -3.10
CA PHE A 28 -15.46 3.65 -2.69
C PHE A 28 -14.65 4.87 -2.29
N SER A 29 -14.80 5.98 -2.98
CA SER A 29 -14.09 7.20 -2.59
C SER A 29 -14.56 7.63 -1.24
N ALA A 30 -15.91 7.58 -1.01
CA ALA A 30 -16.45 7.99 0.30
C ALA A 30 -16.03 7.05 1.43
N THR A 31 -16.08 5.73 1.24
CA THR A 31 -15.64 4.87 2.31
C THR A 31 -14.15 5.09 2.56
N GLY A 32 -13.33 5.33 1.51
CA GLY A 32 -11.89 5.50 1.74
C GLY A 32 -11.67 6.72 2.60
N ALA A 33 -12.39 7.85 2.31
CA ALA A 33 -12.19 9.03 3.13
C ALA A 33 -12.64 8.82 4.60
N LEU A 34 -13.77 8.09 4.81
N LEU A 34 -13.75 8.10 4.76
CA LEU A 34 -14.24 7.81 6.18
CA LEU A 34 -14.24 7.80 6.09
C LEU A 34 -13.35 6.80 6.91
C LEU A 34 -13.33 6.87 6.87
N GLU A 35 -12.77 5.85 6.17
CA GLU A 35 -11.85 4.91 6.77
C GLU A 35 -10.64 5.68 7.36
N GLY A 36 -10.16 6.68 6.61
CA GLY A 36 -9.03 7.48 7.08
C GLY A 36 -9.40 8.31 8.29
N GLN A 37 -10.57 9.01 8.27
CA GLN A 37 -10.97 9.82 9.43
C GLN A 37 -11.33 8.97 10.64
N MET A 38 -11.96 7.83 10.46
CA MET A 38 -12.25 7.00 11.63
C MET A 38 -10.93 6.47 12.20
N PHE A 39 -9.89 6.23 11.37
CA PHE A 39 -8.60 5.74 11.89
C PHE A 39 -7.94 6.89 12.70
N ARG A 40 -7.97 8.08 12.20
CA ARG A 40 -7.42 9.27 12.88
C ARG A 40 -8.04 9.47 14.23
N LYS A 41 -9.35 9.20 14.33
CA LYS A 41 -10.10 9.37 15.57
C LYS A 41 -9.93 8.24 16.56
N THR A 42 -9.84 7.00 16.12
CA THR A 42 -9.84 5.88 17.06
C THR A 42 -8.59 5.02 17.07
N GLY A 43 -7.78 5.09 16.00
CA GLY A 43 -6.59 4.24 15.88
C GLY A 43 -6.89 2.84 15.37
N LYS A 44 -8.14 2.62 14.89
CA LYS A 44 -8.55 1.35 14.33
C LYS A 44 -8.91 1.54 12.87
N LEU A 45 -8.38 0.66 12.04
CA LEU A 45 -8.62 0.69 10.60
C LEU A 45 -9.65 -0.38 10.32
N VAL A 46 -10.87 0.05 9.94
CA VAL A 46 -11.96 -0.85 9.66
C VAL A 46 -12.53 -0.64 8.22
N SER A 47 -12.58 -1.66 7.44
CA SER A 47 -13.08 -1.52 6.10
C SER A 47 -14.60 -1.20 6.18
N LEU A 48 -15.07 -0.21 5.46
CA LEU A 48 -16.48 0.24 5.49
C LEU A 48 -17.25 -0.27 4.31
N SER A 49 -18.59 -0.28 4.44
CA SER A 49 -19.46 -0.84 3.43
C SER A 49 -19.89 0.08 2.28
N GLU A 50 -19.29 -0.12 1.08
CA GLU A 50 -19.78 0.57 -0.09
C GLU A 50 -21.20 0.11 -0.43
N GLN A 51 -21.48 -1.17 -0.15
CA GLN A 51 -22.80 -1.70 -0.52
C GLN A 51 -23.86 -0.97 0.28
N ASN A 52 -23.61 -0.63 1.54
CA ASN A 52 -24.61 0.09 2.36
C ASN A 52 -24.90 1.43 1.69
N LEU A 53 -23.84 2.10 1.16
CA LEU A 53 -24.07 3.37 0.47
C LEU A 53 -24.84 3.15 -0.85
N VAL A 54 -24.48 2.16 -1.62
CA VAL A 54 -25.18 1.88 -2.88
C VAL A 54 -26.68 1.61 -2.67
N ASP A 55 -27.00 0.75 -1.73
CA ASP A 55 -28.39 0.37 -1.50
C ASP A 55 -29.23 1.40 -0.78
N CYS A 56 -28.61 2.24 0.08
CA CYS A 56 -29.41 3.07 0.97
C CYS A 56 -29.41 4.56 0.76
N SER A 57 -28.55 5.11 -0.11
CA SER A 57 -28.46 6.57 -0.20
C SER A 57 -29.20 7.21 -1.36
N ARG A 58 -30.18 6.50 -1.93
CA ARG A 58 -31.01 7.12 -2.98
C ARG A 58 -31.76 8.40 -2.46
N PRO A 59 -32.30 8.43 -1.25
CA PRO A 59 -32.99 9.65 -0.80
C PRO A 59 -32.13 10.88 -0.84
N GLN A 60 -30.79 10.70 -0.64
CA GLN A 60 -29.79 11.77 -0.68
C GLN A 60 -29.36 12.16 -2.05
N GLY A 61 -29.88 11.47 -3.05
CA GLY A 61 -29.56 11.81 -4.44
C GLY A 61 -28.57 10.95 -5.17
N ASN A 62 -28.13 9.83 -4.56
CA ASN A 62 -27.25 8.89 -5.25
C ASN A 62 -28.09 7.89 -6.05
N GLN A 63 -27.48 7.21 -7.00
CA GLN A 63 -28.21 6.27 -7.87
C GLN A 63 -27.55 4.92 -7.91
N GLY A 64 -26.90 4.53 -6.81
CA GLY A 64 -26.30 3.19 -6.74
C GLY A 64 -25.29 2.89 -7.78
N CYS A 65 -25.49 1.79 -8.50
CA CYS A 65 -24.56 1.42 -9.57
C CYS A 65 -24.69 2.34 -10.81
N ASN A 66 -25.65 3.25 -10.83
CA ASN A 66 -25.75 4.19 -11.93
C ASN A 66 -25.07 5.51 -11.60
N GLY A 67 -24.29 5.59 -10.49
CA GLY A 67 -23.55 6.81 -10.19
C GLY A 67 -24.02 7.52 -8.96
N GLY A 68 -23.19 8.48 -8.51
CA GLY A 68 -23.47 9.17 -7.27
C GLY A 68 -22.34 10.12 -6.93
N PHE A 69 -22.39 10.67 -5.72
CA PHE A 69 -21.42 11.70 -5.29
C PHE A 69 -21.01 11.49 -3.90
N MET A 70 -19.71 11.73 -3.59
CA MET A 70 -19.19 11.52 -2.24
C MET A 70 -19.88 12.40 -1.19
N ALA A 71 -20.13 13.67 -1.56
CA ALA A 71 -20.78 14.58 -0.63
C ALA A 71 -22.20 14.04 -0.25
N ARG A 72 -22.92 13.47 -1.21
CA ARG A 72 -24.23 12.91 -0.90
C ARG A 72 -24.10 11.68 0.01
N ALA A 73 -23.00 10.88 -0.22
CA ALA A 73 -22.74 9.75 0.68
C ALA A 73 -22.45 10.23 2.11
N PHE A 74 -21.62 11.31 2.30
CA PHE A 74 -21.37 11.81 3.67
C PHE A 74 -22.67 12.35 4.29
N GLN A 75 -23.53 12.94 3.45
CA GLN A 75 -24.83 13.43 3.94
C GLN A 75 -25.67 12.23 4.39
N TYR A 76 -25.69 11.12 3.63
CA TYR A 76 -26.43 9.96 4.09
C TYR A 76 -25.91 9.47 5.41
N VAL A 77 -24.56 9.37 5.59
CA VAL A 77 -24.06 8.85 6.83
C VAL A 77 -24.52 9.75 8.00
N LYS A 78 -24.48 11.05 7.81
CA LYS A 78 -24.94 11.98 8.86
C LYS A 78 -26.43 11.79 9.19
N GLU A 79 -27.26 11.79 8.14
CA GLU A 79 -28.72 11.70 8.38
C GLU A 79 -29.07 10.37 8.92
N ASN A 80 -28.36 9.32 8.51
CA ASN A 80 -28.63 7.95 8.91
C ASN A 80 -28.11 7.62 10.30
N GLY A 81 -27.15 8.39 10.84
CA GLY A 81 -26.57 8.06 12.14
C GLY A 81 -25.49 6.99 12.18
N GLY A 82 -25.05 6.50 10.99
CA GLY A 82 -24.03 5.45 10.98
C GLY A 82 -23.83 4.84 9.60
N LEU A 83 -22.86 3.94 9.55
CA LEU A 83 -22.51 3.22 8.35
C LEU A 83 -21.95 1.86 8.80
N ASP A 84 -22.36 0.79 8.18
CA ASP A 84 -21.87 -0.52 8.54
C ASP A 84 -20.50 -0.90 8.00
N SER A 85 -19.89 -1.92 8.58
CA SER A 85 -18.61 -2.45 8.09
C SER A 85 -18.76 -3.25 6.83
N GLU A 86 -17.67 -3.36 6.02
CA GLU A 86 -17.65 -4.18 4.84
C GLU A 86 -17.96 -5.62 5.22
N GLU A 87 -17.40 -6.08 6.34
CA GLU A 87 -17.62 -7.44 6.79
C GLU A 87 -19.10 -7.71 7.07
N SER A 88 -19.80 -6.81 7.73
CA SER A 88 -21.22 -7.03 8.03
C SER A 88 -22.16 -6.76 6.88
N TYR A 89 -21.74 -6.01 5.87
CA TYR A 89 -22.62 -5.58 4.78
C TYR A 89 -21.75 -5.66 3.54
N PRO A 90 -21.49 -6.85 3.05
CA PRO A 90 -20.60 -7.06 1.91
C PRO A 90 -20.99 -6.54 0.59
N TYR A 91 -19.93 -6.27 -0.21
CA TYR A 91 -20.05 -5.73 -1.56
C TYR A 91 -20.39 -6.72 -2.58
N VAL A 92 -21.45 -6.50 -3.38
CA VAL A 92 -21.86 -7.47 -4.38
C VAL A 92 -22.01 -6.82 -5.76
N ALA A 93 -21.72 -5.51 -5.90
CA ALA A 93 -21.67 -4.85 -7.22
C ALA A 93 -22.98 -4.82 -7.99
N VAL A 94 -24.08 -4.77 -7.28
CA VAL A 94 -25.42 -4.62 -7.84
C VAL A 94 -26.32 -3.88 -6.89
N ASP A 95 -27.32 -3.17 -7.41
N ASP A 95 -27.35 -3.17 -7.42
CA ASP A 95 -28.27 -2.45 -6.57
CA ASP A 95 -28.31 -2.48 -6.56
C ASP A 95 -29.14 -3.45 -5.78
C ASP A 95 -29.12 -3.48 -5.79
N GLU A 96 -29.18 -3.39 -4.48
CA GLU A 96 -29.97 -4.32 -3.68
C GLU A 96 -30.76 -3.58 -2.64
N ILE A 97 -31.56 -4.34 -1.87
CA ILE A 97 -32.39 -3.78 -0.81
C ILE A 97 -31.55 -3.19 0.27
N CYS A 98 -31.93 -2.02 0.79
CA CYS A 98 -31.18 -1.45 1.91
C CYS A 98 -31.28 -2.33 3.14
N LYS A 99 -30.15 -2.80 3.69
CA LYS A 99 -30.10 -3.67 4.84
C LYS A 99 -29.22 -3.06 5.91
N TYR A 100 -29.32 -1.72 6.06
CA TYR A 100 -28.55 -1.04 7.13
C TYR A 100 -28.97 -1.54 8.51
N ARG A 101 -28.02 -1.89 9.32
CA ARG A 101 -28.23 -2.39 10.69
C ARG A 101 -27.47 -1.51 11.63
N PRO A 102 -28.12 -0.73 12.48
CA PRO A 102 -27.41 0.14 13.42
C PRO A 102 -26.43 -0.57 14.33
N GLU A 103 -26.73 -1.82 14.73
CA GLU A 103 -25.88 -2.55 15.63
C GLU A 103 -24.56 -2.93 14.97
N ASN A 104 -24.51 -2.89 13.62
CA ASN A 104 -23.25 -3.16 12.90
C ASN A 104 -22.53 -1.87 12.49
N SER A 105 -22.99 -0.72 12.92
CA SER A 105 -22.35 0.53 12.51
C SER A 105 -21.00 0.65 13.16
N VAL A 106 -19.97 1.09 12.37
CA VAL A 106 -18.62 1.31 12.91
C VAL A 106 -18.16 2.69 12.48
N ALA A 107 -18.99 3.56 11.94
CA ALA A 107 -18.53 4.89 11.55
C ALA A 107 -19.64 5.88 11.62
N GLN A 108 -19.33 7.16 11.81
CA GLN A 108 -20.34 8.22 11.85
C GLN A 108 -19.72 9.49 11.32
N ASP A 109 -20.51 10.41 10.82
CA ASP A 109 -19.99 11.73 10.49
C ASP A 109 -21.10 12.77 10.75
N THR A 110 -20.72 14.02 10.97
CA THR A 110 -21.66 15.12 11.26
C THR A 110 -21.87 15.98 10.01
N GLY A 111 -21.34 15.54 8.83
CA GLY A 111 -21.41 16.33 7.61
C GLY A 111 -20.03 16.27 6.98
N PHE A 112 -19.65 17.27 6.22
CA PHE A 112 -18.37 17.23 5.48
C PHE A 112 -17.86 18.62 5.25
N THR A 113 -16.57 18.68 4.94
CA THR A 113 -15.89 19.92 4.56
C THR A 113 -15.57 19.93 3.11
N VAL A 114 -15.76 21.04 2.41
N VAL A 114 -15.74 20.92 2.37
CA VAL A 114 -15.45 21.16 0.98
CA VAL A 114 -15.36 20.97 0.98
C VAL A 114 -14.16 21.96 0.74
C VAL A 114 -14.08 21.79 0.83
N VAL A 115 -13.36 21.47 -0.20
CA VAL A 115 -12.20 22.22 -0.65
C VAL A 115 -12.72 23.16 -1.77
N ALA A 116 -12.29 24.46 -1.70
CA ALA A 116 -12.71 25.47 -2.65
C ALA A 116 -12.40 24.92 -4.06
N PRO A 117 -13.37 25.02 -4.98
CA PRO A 117 -13.16 24.49 -6.34
C PRO A 117 -11.98 25.04 -7.06
N GLY A 118 -11.23 24.12 -7.67
CA GLY A 118 -10.06 24.44 -8.46
C GLY A 118 -8.83 24.82 -7.68
N LYS A 119 -8.83 24.87 -6.36
CA LYS A 119 -7.64 25.31 -5.64
C LYS A 119 -6.73 24.17 -5.20
N GLU A 120 -5.74 23.88 -6.04
CA GLU A 120 -4.82 22.83 -5.71
C GLU A 120 -4.00 23.10 -4.48
N LYS A 121 -3.78 24.38 -4.10
CA LYS A 121 -3.03 24.59 -2.91
C LYS A 121 -3.89 24.32 -1.69
N ALA A 122 -5.24 24.58 -1.82
CA ALA A 122 -6.15 24.26 -0.74
C ALA A 122 -6.26 22.68 -0.58
N LEU A 123 -6.26 21.99 -1.69
CA LEU A 123 -6.31 20.53 -1.66
C LEU A 123 -5.05 20.01 -1.00
N MET A 124 -3.89 20.63 -1.30
CA MET A 124 -2.63 20.17 -0.71
C MET A 124 -2.65 20.37 0.80
N LYS A 125 -3.19 21.52 1.25
CA LYS A 125 -3.29 21.74 2.67
C LYS A 125 -4.20 20.72 3.40
N ALA A 126 -5.37 20.41 2.74
CA ALA A 126 -6.28 19.39 3.29
C ALA A 126 -5.59 18.00 3.39
N VAL A 127 -4.90 17.59 2.30
CA VAL A 127 -4.23 16.29 2.35
C VAL A 127 -3.16 16.23 3.46
N ALA A 128 -2.39 17.33 3.60
CA ALA A 128 -1.32 17.33 4.60
C ALA A 128 -1.87 17.36 6.04
N THR A 129 -3.02 18.02 6.25
CA THR A 129 -3.46 18.22 7.63
C THR A 129 -4.59 17.34 8.13
N VAL A 130 -5.34 16.71 7.19
CA VAL A 130 -6.54 15.92 7.56
C VAL A 130 -6.38 14.42 7.36
N GLY A 131 -5.87 14.04 6.20
CA GLY A 131 -5.80 12.64 5.84
C GLY A 131 -6.27 12.51 4.39
N PRO A 132 -6.61 11.26 3.98
CA PRO A 132 -7.08 11.06 2.57
C PRO A 132 -8.35 11.90 2.26
N ILE A 133 -8.45 12.38 1.04
CA ILE A 133 -9.49 13.30 0.60
C ILE A 133 -10.22 12.74 -0.59
N SER A 134 -11.55 12.73 -0.55
CA SER A 134 -12.32 12.33 -1.70
C SER A 134 -12.24 13.36 -2.83
N VAL A 135 -12.07 12.89 -4.10
CA VAL A 135 -12.03 13.86 -5.19
C VAL A 135 -12.71 13.26 -6.42
N ALA A 136 -13.17 14.13 -7.31
CA ALA A 136 -13.71 13.72 -8.61
C ALA A 136 -12.64 13.97 -9.68
N MET A 137 -12.66 13.21 -10.76
CA MET A 137 -11.71 13.41 -11.83
C MET A 137 -12.31 12.95 -13.13
N ASP A 138 -11.65 13.35 -14.23
CA ASP A 138 -11.96 12.89 -15.56
C ASP A 138 -11.10 11.63 -15.82
N ALA A 139 -11.72 10.46 -15.73
CA ALA A 139 -11.02 9.19 -15.93
C ALA A 139 -11.42 8.55 -17.28
N GLY A 140 -12.16 9.30 -18.12
CA GLY A 140 -12.67 8.71 -19.35
C GLY A 140 -11.70 8.60 -20.49
N HIS A 141 -10.58 7.95 -20.34
CA HIS A 141 -9.60 7.84 -21.43
C HIS A 141 -8.97 6.50 -21.39
N SER A 142 -8.66 5.97 -22.55
CA SER A 142 -7.95 4.71 -22.61
C SER A 142 -6.61 4.81 -21.91
N SER A 143 -5.98 6.00 -21.91
CA SER A 143 -4.70 6.19 -21.25
C SER A 143 -4.82 5.92 -19.75
N PHE A 144 -6.01 6.21 -19.17
CA PHE A 144 -6.22 5.96 -17.74
C PHE A 144 -6.55 4.51 -17.53
N GLN A 145 -7.39 3.95 -18.39
CA GLN A 145 -7.68 2.54 -18.28
C GLN A 145 -6.45 1.70 -18.31
N PHE A 146 -5.56 2.04 -19.20
CA PHE A 146 -4.37 1.23 -19.39
C PHE A 146 -3.18 1.82 -18.72
N TYR A 147 -3.41 2.73 -17.77
CA TYR A 147 -2.32 3.31 -17.04
C TYR A 147 -1.49 2.25 -16.29
N LYS A 148 -0.16 2.39 -16.26
CA LYS A 148 0.62 1.39 -15.57
C LYS A 148 1.68 2.00 -14.65
N SER A 149 2.30 3.12 -15.05
CA SER A 149 3.40 3.71 -14.28
C SER A 149 3.64 5.21 -14.58
N GLY A 150 4.41 5.90 -13.71
CA GLY A 150 4.79 7.28 -13.96
C GLY A 150 3.73 8.31 -13.63
N ILE A 151 3.95 9.57 -13.96
CA ILE A 151 2.97 10.62 -13.67
C ILE A 151 2.02 10.68 -14.81
N TYR A 152 0.75 10.49 -14.53
CA TYR A 152 -0.28 10.51 -15.51
C TYR A 152 -0.56 11.95 -15.92
N PHE A 153 -0.54 12.16 -17.24
CA PHE A 153 -0.88 13.46 -17.84
C PHE A 153 -1.57 13.15 -19.16
N GLU A 154 -2.80 13.52 -19.30
CA GLU A 154 -3.60 13.30 -20.49
C GLU A 154 -4.06 14.63 -21.10
N PRO A 155 -3.61 14.96 -22.34
CA PRO A 155 -4.01 16.22 -23.00
C PRO A 155 -5.52 16.40 -23.17
N ASP A 156 -6.28 15.34 -23.34
CA ASP A 156 -7.72 15.40 -23.54
C ASP A 156 -8.52 15.48 -22.21
N CYS A 157 -7.82 15.67 -21.10
CA CYS A 157 -8.53 15.72 -19.81
C CYS A 157 -9.28 17.02 -19.60
N SER A 158 -10.39 16.93 -18.85
CA SER A 158 -11.18 18.07 -18.46
C SER A 158 -11.02 18.33 -17.00
N SER A 159 -10.98 19.60 -16.60
CA SER A 159 -10.97 19.98 -15.19
C SER A 159 -12.40 20.29 -14.76
N LYS A 160 -13.38 20.26 -15.68
CA LYS A 160 -14.74 20.62 -15.37
C LYS A 160 -15.76 19.50 -15.53
N ASN A 161 -15.67 18.69 -16.57
CA ASN A 161 -16.67 17.65 -16.74
C ASN A 161 -16.05 16.36 -16.31
N LEU A 162 -16.37 15.99 -15.08
CA LEU A 162 -15.77 14.82 -14.43
C LEU A 162 -16.70 13.62 -14.35
N ASP A 163 -16.11 12.41 -14.24
CA ASP A 163 -16.93 11.21 -14.27
C ASP A 163 -16.56 10.10 -13.29
N HIS A 164 -15.59 10.33 -12.42
CA HIS A 164 -15.11 9.23 -11.58
C HIS A 164 -14.62 9.75 -10.24
N GLY A 165 -15.02 9.08 -9.18
CA GLY A 165 -14.63 9.44 -7.83
C GLY A 165 -13.49 8.57 -7.37
N VAL A 166 -12.47 9.17 -6.78
CA VAL A 166 -11.24 8.48 -6.31
C VAL A 166 -10.81 9.11 -5.01
N LEU A 167 -9.67 8.68 -4.48
CA LEU A 167 -9.23 9.11 -3.18
C LEU A 167 -7.78 9.61 -3.22
N VAL A 168 -7.50 10.80 -2.82
CA VAL A 168 -6.11 11.31 -2.81
C VAL A 168 -5.54 10.89 -1.45
N VAL A 169 -4.49 10.03 -1.45
CA VAL A 169 -3.87 9.53 -0.21
C VAL A 169 -2.53 10.24 0.06
N GLY A 170 -2.14 11.20 -0.80
CA GLY A 170 -0.87 11.87 -0.55
C GLY A 170 -0.47 12.63 -1.77
N TYR A 171 0.78 13.11 -1.76
CA TYR A 171 1.35 13.85 -2.87
C TYR A 171 2.88 13.74 -2.74
N GLY A 172 3.56 14.07 -3.83
CA GLY A 172 5.01 14.00 -3.80
C GLY A 172 5.56 14.64 -5.03
N PHE A 173 6.82 14.25 -5.27
CA PHE A 173 7.57 14.75 -6.40
C PHE A 173 8.62 13.75 -6.79
N GLU A 174 9.20 13.98 -7.94
CA GLU A 174 10.28 13.14 -8.45
C GLU A 174 11.66 13.78 -8.20
N GLY A 175 12.68 12.96 -7.90
CA GLY A 175 14.02 13.49 -7.71
C GLY A 175 14.28 14.32 -6.47
N ALA A 176 15.30 15.21 -6.55
CA ALA A 176 15.72 16.03 -5.42
C ALA A 176 14.92 17.31 -5.23
N ASN A 177 14.45 17.92 -6.31
CA ASN A 177 13.68 19.17 -6.20
C ASN A 177 12.21 18.90 -5.86
N SER A 178 11.79 19.41 -4.72
CA SER A 178 10.43 19.18 -4.23
C SER A 178 9.41 19.94 -5.03
N GLN A 179 9.87 20.85 -5.90
CA GLN A 179 8.97 21.63 -6.73
C GLN A 179 8.91 21.14 -8.15
N ASN A 180 9.53 20.03 -8.46
N ASN A 180 9.55 20.05 -8.47
CA ASN A 180 9.46 19.61 -9.84
CA ASN A 180 9.51 19.58 -9.85
C ASN A 180 8.88 18.23 -9.98
C ASN A 180 8.97 18.18 -9.95
N SER A 181 8.15 18.00 -11.07
N SER A 181 8.20 17.93 -11.02
CA SER A 181 7.48 16.74 -11.39
CA SER A 181 7.55 16.65 -11.30
C SER A 181 6.59 16.29 -10.23
C SER A 181 6.64 16.25 -10.13
N LYS A 182 5.81 17.21 -9.70
CA LYS A 182 4.91 16.94 -8.58
C LYS A 182 3.70 16.08 -9.01
N TYR A 183 3.20 15.33 -8.03
CA TYR A 183 2.06 14.47 -8.31
C TYR A 183 1.20 14.28 -7.10
N TRP A 184 -0.07 13.93 -7.40
CA TRP A 184 -1.10 13.50 -6.44
C TRP A 184 -1.01 11.96 -6.40
N LEU A 185 -0.97 11.38 -5.17
N LEU A 185 -1.07 11.40 -5.25
CA LEU A 185 -0.99 9.92 -4.97
CA LEU A 185 -1.09 9.94 -5.10
C LEU A 185 -2.51 9.58 -4.89
C LEU A 185 -2.54 9.50 -4.94
N VAL A 186 -3.03 8.76 -5.82
CA VAL A 186 -4.47 8.50 -5.91
C VAL A 186 -4.76 7.04 -5.84
N LYS A 187 -5.64 6.64 -4.91
CA LYS A 187 -6.16 5.28 -4.77
C LYS A 187 -7.37 5.13 -5.71
N ASN A 188 -7.38 4.16 -6.57
CA ASN A 188 -8.55 3.88 -7.40
C ASN A 188 -9.34 2.67 -6.81
N SER A 189 -10.42 2.28 -7.45
CA SER A 189 -11.27 1.16 -6.96
C SER A 189 -11.54 0.19 -8.10
N TRP A 190 -10.49 -0.08 -8.88
CA TRP A 190 -10.54 -1.03 -10.02
C TRP A 190 -9.71 -2.23 -9.69
N GLY A 191 -9.46 -2.52 -8.41
CA GLY A 191 -8.67 -3.66 -8.01
C GLY A 191 -7.18 -3.38 -8.01
N PRO A 192 -6.39 -4.16 -7.26
CA PRO A 192 -4.93 -4.01 -7.19
C PRO A 192 -4.25 -4.31 -8.54
N GLU A 193 -4.92 -4.99 -9.41
CA GLU A 193 -4.30 -5.34 -10.68
C GLU A 193 -4.29 -4.17 -11.63
N TRP A 194 -5.13 -3.17 -11.45
CA TRP A 194 -5.12 -1.98 -12.29
C TRP A 194 -4.01 -1.05 -11.93
N GLY A 195 -3.46 -0.32 -12.91
CA GLY A 195 -2.48 0.72 -12.59
C GLY A 195 -1.28 0.26 -11.81
N SER A 196 -0.81 0.98 -10.84
CA SER A 196 0.39 0.60 -10.08
C SER A 196 -0.10 0.08 -8.73
N ASN A 197 -0.35 -1.23 -8.67
CA ASN A 197 -0.91 -1.88 -7.48
C ASN A 197 -2.24 -1.19 -7.03
N GLY A 198 -3.00 -0.69 -8.05
CA GLY A 198 -4.30 -0.06 -7.81
C GLY A 198 -4.23 1.41 -7.62
N TYR A 199 -3.05 2.03 -7.68
CA TYR A 199 -2.81 3.45 -7.51
C TYR A 199 -2.36 4.16 -8.77
N VAL A 200 -2.43 5.47 -8.79
CA VAL A 200 -1.97 6.25 -9.95
C VAL A 200 -1.44 7.52 -9.42
N LYS A 201 -0.35 8.03 -10.08
CA LYS A 201 0.20 9.32 -9.76
C LYS A 201 -0.37 10.26 -10.75
N ILE A 202 -1.04 11.34 -10.36
CA ILE A 202 -1.60 12.31 -11.30
C ILE A 202 -0.83 13.63 -11.16
N ALA A 203 -0.53 14.23 -12.35
CA ALA A 203 0.21 15.51 -12.35
C ALA A 203 -0.45 16.53 -11.42
N LYS A 204 0.37 17.15 -10.58
CA LYS A 204 -0.03 18.11 -9.55
C LYS A 204 0.50 19.53 -9.89
N ASP A 205 -0.30 20.58 -9.62
CA ASP A 205 0.06 21.97 -9.89
C ASP A 205 0.31 22.15 -11.42
N LYS A 206 -0.48 21.45 -12.26
CA LYS A 206 -0.46 21.54 -13.73
C LYS A 206 -1.89 21.90 -14.18
N ASN A 207 -2.34 23.04 -13.66
CA ASN A 207 -3.65 23.57 -13.98
C ASN A 207 -4.83 22.66 -13.62
N ASN A 208 -4.81 22.09 -12.39
CA ASN A 208 -5.93 21.27 -11.93
C ASN A 208 -6.18 20.14 -12.90
N HIS A 209 -5.08 19.40 -13.20
CA HIS A 209 -5.16 18.34 -14.23
C HIS A 209 -6.26 17.28 -13.93
N CYS A 210 -7.09 16.98 -14.90
CA CYS A 210 -8.20 16.04 -14.77
C CYS A 210 -9.18 16.42 -13.65
N GLY A 211 -9.15 17.66 -13.16
CA GLY A 211 -10.15 18.10 -12.20
C GLY A 211 -9.99 17.64 -10.77
N ILE A 212 -8.79 17.16 -10.40
CA ILE A 212 -8.62 16.60 -9.05
C ILE A 212 -8.99 17.57 -7.96
N ALA A 213 -8.82 18.90 -8.14
CA ALA A 213 -9.18 19.83 -7.12
C ALA A 213 -10.53 20.51 -7.39
N THR A 214 -11.32 20.05 -8.34
CA THR A 214 -12.59 20.73 -8.66
C THR A 214 -13.69 20.45 -7.65
N ALA A 215 -13.79 19.20 -7.10
CA ALA A 215 -14.88 18.87 -6.18
C ALA A 215 -14.35 17.92 -5.14
N ALA A 216 -13.46 18.37 -4.32
CA ALA A 216 -12.84 17.57 -3.26
C ALA A 216 -13.58 17.82 -1.93
N SER A 217 -13.68 16.82 -1.08
CA SER A 217 -14.34 16.95 0.23
C SER A 217 -13.89 15.86 1.16
N TYR A 218 -14.15 15.98 2.45
CA TYR A 218 -13.84 14.94 3.43
C TYR A 218 -14.90 14.93 4.54
N PRO A 219 -15.20 13.85 5.16
CA PRO A 219 -16.21 13.81 6.23
C PRO A 219 -15.73 14.36 7.52
N ASN A 220 -16.64 14.93 8.31
CA ASN A 220 -16.26 15.45 9.63
C ASN A 220 -16.65 14.41 10.64
N VAL A 221 -15.71 13.76 11.32
CA VAL A 221 -16.06 12.71 12.30
C VAL A 221 -15.92 13.19 13.76
N LEU B 1 -2.81 -26.29 4.07
CA LEU B 1 -2.50 -24.87 3.88
C LEU B 1 -3.26 -24.29 2.71
N PRO B 2 -3.47 -22.97 2.64
CA PRO B 2 -4.20 -22.34 1.52
C PRO B 2 -3.48 -22.54 0.17
N LYS B 3 -4.17 -22.58 -0.98
CA LYS B 3 -3.50 -22.77 -2.27
C LYS B 3 -2.84 -21.46 -2.73
N SER B 4 -3.24 -20.38 -2.06
N SER B 4 -3.33 -20.38 -2.06
CA SER B 4 -2.67 -19.09 -2.35
CA SER B 4 -2.82 -19.06 -2.36
C SER B 4 -2.81 -18.18 -1.15
C SER B 4 -2.84 -18.20 -1.11
N VAL B 5 -1.87 -17.25 -1.03
CA VAL B 5 -1.81 -16.28 0.08
C VAL B 5 -1.30 -14.96 -0.47
N ASP B 6 -1.95 -13.87 -0.08
CA ASP B 6 -1.44 -12.54 -0.48
C ASP B 6 -1.71 -11.61 0.65
N TRP B 7 -0.69 -11.35 1.49
CA TRP B 7 -0.77 -10.52 2.66
C TRP B 7 -1.07 -9.06 2.33
N ARG B 8 -0.84 -8.64 1.06
CA ARG B 8 -1.20 -7.27 0.70
C ARG B 8 -2.71 -7.03 0.90
N LYS B 9 -3.50 -8.08 0.68
CA LYS B 9 -4.96 -7.97 0.74
C LYS B 9 -5.43 -7.86 2.17
N LYS B 10 -4.59 -8.17 3.13
CA LYS B 10 -4.98 -8.18 4.55
C LYS B 10 -4.45 -7.02 5.37
N GLY B 11 -3.78 -6.07 4.68
CA GLY B 11 -3.30 -4.89 5.37
C GLY B 11 -1.90 -4.95 5.98
N TYR B 12 -1.13 -5.98 5.66
CA TYR B 12 0.20 -6.18 6.24
C TYR B 12 1.37 -5.51 5.56
N VAL B 13 1.14 -4.96 4.33
CA VAL B 13 2.25 -4.51 3.48
C VAL B 13 2.18 -3.05 3.10
N THR B 14 3.25 -2.30 3.35
CA THR B 14 3.37 -0.88 2.98
C THR B 14 3.66 -0.78 1.47
N PRO B 15 3.59 0.45 0.92
CA PRO B 15 3.86 0.62 -0.51
C PRO B 15 5.33 0.17 -0.87
N VAL B 16 5.48 -0.07 -2.16
CA VAL B 16 6.83 -0.39 -2.65
C VAL B 16 7.73 0.80 -2.43
N LYS B 17 8.94 0.56 -1.93
CA LYS B 17 9.96 1.55 -1.63
C LYS B 17 11.14 1.40 -2.63
N ASN B 18 12.11 2.31 -2.55
CA ASN B 18 13.23 2.27 -3.50
C ASN B 18 14.52 2.58 -2.75
N GLN B 19 15.42 1.58 -2.72
CA GLN B 19 16.70 1.76 -2.05
C GLN B 19 17.63 2.73 -2.80
N LYS B 20 17.34 2.99 -4.07
CA LYS B 20 18.19 3.86 -4.91
C LYS B 20 19.64 3.31 -4.89
N GLN B 21 20.64 4.19 -4.89
CA GLN B 21 22.04 3.73 -5.12
C GLN B 21 22.75 3.48 -3.83
N CYS B 22 22.26 2.50 -3.11
CA CYS B 22 22.74 2.11 -1.79
C CYS B 22 22.44 0.63 -1.66
N GLY B 23 23.41 -0.18 -1.17
CA GLY B 23 23.19 -1.62 -1.02
C GLY B 23 22.48 -1.98 0.27
N SER B 24 21.25 -1.44 0.41
CA SER B 24 20.44 -1.51 1.62
C SER B 24 19.24 -2.44 1.49
N CYS B 25 19.23 -3.28 0.50
CA CYS B 25 18.09 -4.23 0.34
C CYS B 25 17.73 -4.92 1.64
N TRP B 26 18.76 -5.34 2.44
CA TRP B 26 18.57 -6.08 3.69
C TRP B 26 17.74 -5.22 4.63
N ALA B 27 17.90 -3.90 4.63
CA ALA B 27 17.15 -3.05 5.55
C ALA B 27 15.67 -2.97 5.10
N PHE B 28 15.44 -2.96 3.77
CA PHE B 28 14.06 -2.94 3.28
C PHE B 28 13.38 -4.29 3.52
N SER B 29 14.08 -5.40 3.35
CA SER B 29 13.48 -6.69 3.65
C SER B 29 13.14 -6.75 5.13
N ALA B 30 14.03 -6.26 6.00
CA ALA B 30 13.79 -6.29 7.42
C ALA B 30 12.63 -5.42 7.84
N THR B 31 12.57 -4.15 7.37
CA THR B 31 11.43 -3.32 7.72
C THR B 31 10.14 -3.95 7.12
N GLY B 32 10.16 -4.55 5.98
CA GLY B 32 8.90 -5.10 5.51
C GLY B 32 8.39 -6.21 6.42
N ALA B 33 9.31 -7.08 6.92
CA ALA B 33 8.87 -8.19 7.80
C ALA B 33 8.42 -7.64 9.13
N LEU B 34 9.07 -6.60 9.66
CA LEU B 34 8.70 -6.04 10.96
C LEU B 34 7.37 -5.29 10.80
N GLU B 35 7.18 -4.58 9.64
CA GLU B 35 5.89 -3.91 9.40
C GLU B 35 4.75 -4.92 9.47
N GLY B 36 4.95 -6.07 8.87
CA GLY B 36 3.90 -7.07 8.89
C GLY B 36 3.62 -7.60 10.30
N GLN B 37 4.67 -7.87 11.07
CA GLN B 37 4.46 -8.40 12.44
C GLN B 37 3.91 -7.38 13.34
N MET B 38 4.33 -6.10 13.25
CA MET B 38 3.75 -5.04 14.07
C MET B 38 2.27 -4.81 13.75
N PHE B 39 1.90 -4.98 12.46
CA PHE B 39 0.51 -4.82 12.07
C PHE B 39 -0.29 -6.01 12.64
N ARG B 40 0.24 -7.22 12.56
N ARG B 40 0.25 -7.19 12.65
CA ARG B 40 -0.42 -8.38 13.12
CA ARG B 40 -0.38 -8.40 13.18
C ARG B 40 -0.70 -8.22 14.62
C ARG B 40 -0.66 -8.28 14.67
N LYS B 41 0.19 -7.55 15.35
CA LYS B 41 0.08 -7.30 16.79
C LYS B 41 -0.81 -6.11 17.20
N THR B 42 -0.85 -5.02 16.43
CA THR B 42 -1.56 -3.84 16.83
C THR B 42 -2.68 -3.36 15.89
N GLY B 43 -2.69 -3.84 14.63
CA GLY B 43 -3.68 -3.37 13.68
C GLY B 43 -3.28 -2.05 13.04
N LYS B 44 -2.09 -1.52 13.32
CA LYS B 44 -1.63 -0.27 12.74
C LYS B 44 -0.45 -0.57 11.78
N LEU B 45 -0.60 -0.22 10.51
CA LEU B 45 0.44 -0.40 9.51
C LEU B 45 1.23 0.86 9.42
N VAL B 46 2.47 0.82 9.89
CA VAL B 46 3.31 2.03 9.96
C VAL B 46 4.65 1.76 9.31
N SER B 47 4.99 2.56 8.30
CA SER B 47 6.26 2.38 7.63
C SER B 47 7.40 2.65 8.58
N LEU B 48 8.40 1.73 8.57
CA LEU B 48 9.57 1.79 9.46
C LEU B 48 10.76 2.32 8.73
N SER B 49 11.75 2.82 9.51
CA SER B 49 12.90 3.49 8.94
C SER B 49 14.09 2.63 8.48
N GLU B 50 14.26 2.44 7.16
CA GLU B 50 15.47 1.77 6.70
C GLU B 50 16.67 2.62 7.03
N GLN B 51 16.54 3.98 7.02
CA GLN B 51 17.72 4.80 7.28
C GLN B 51 18.24 4.55 8.70
N ASN B 52 17.33 4.33 9.66
CA ASN B 52 17.71 4.03 11.05
C ASN B 52 18.54 2.76 11.04
N LEU B 53 18.15 1.75 10.25
CA LEU B 53 18.91 0.51 10.17
C LEU B 53 20.27 0.71 9.50
N VAL B 54 20.31 1.46 8.41
CA VAL B 54 21.57 1.70 7.72
C VAL B 54 22.54 2.45 8.60
N ASP B 55 22.09 3.50 9.25
CA ASP B 55 22.98 4.31 10.06
C ASP B 55 23.41 3.74 11.38
N CYS B 56 22.57 2.90 12.00
CA CYS B 56 22.78 2.49 13.39
C CYS B 56 23.12 1.04 13.66
N SER B 57 23.12 0.15 12.68
CA SER B 57 23.35 -1.27 13.01
C SER B 57 24.74 -1.86 12.73
N ARG B 58 25.74 -0.98 12.53
CA ARG B 58 27.11 -1.44 12.34
C ARG B 58 27.56 -2.28 13.57
N PRO B 59 27.22 -1.91 14.82
CA PRO B 59 27.68 -2.76 15.92
C PRO B 59 27.24 -4.20 15.80
N GLN B 60 26.04 -4.47 15.18
CA GLN B 60 25.50 -5.82 15.00
C GLN B 60 26.04 -6.55 13.78
N GLY B 61 26.97 -5.90 13.03
CA GLY B 61 27.58 -6.56 11.88
C GLY B 61 27.09 -6.15 10.50
N ASN B 62 26.18 -5.13 10.45
CA ASN B 62 25.75 -4.66 9.11
C ASN B 62 26.72 -3.63 8.60
N GLN B 63 26.69 -3.37 7.29
CA GLN B 63 27.62 -2.46 6.67
C GLN B 63 26.92 -1.35 5.85
N GLY B 64 25.72 -0.93 6.30
CA GLY B 64 25.02 0.18 5.62
C GLY B 64 24.77 -0.04 4.15
N CYS B 65 25.20 0.91 3.31
CA CYS B 65 25.05 0.82 1.85
C CYS B 65 25.99 -0.24 1.25
N ASN B 66 26.89 -0.81 2.06
CA ASN B 66 27.77 -1.85 1.56
C ASN B 66 27.26 -3.24 1.89
N GLY B 67 26.01 -3.37 2.33
CA GLY B 67 25.43 -4.67 2.58
C GLY B 67 25.17 -4.98 4.04
N GLY B 68 24.37 -6.05 4.20
CA GLY B 68 23.95 -6.45 5.52
C GLY B 68 22.99 -7.64 5.48
N PHE B 69 22.45 -7.91 6.68
CA PHE B 69 21.58 -9.08 6.84
C PHE B 69 20.34 -8.72 7.67
N MET B 70 19.20 -9.31 7.24
CA MET B 70 17.96 -9.04 7.98
C MET B 70 18.04 -9.49 9.46
N ALA B 71 18.70 -10.64 9.72
CA ALA B 71 18.80 -11.11 11.07
C ALA B 71 19.57 -10.18 11.93
N ARG B 72 20.62 -9.53 11.35
CA ARG B 72 21.38 -8.57 12.13
C ARG B 72 20.56 -7.28 12.42
N ALA B 73 19.66 -6.96 11.44
CA ALA B 73 18.73 -5.86 11.66
C ALA B 73 17.76 -6.16 12.81
N PHE B 74 17.18 -7.38 12.83
CA PHE B 74 16.26 -7.73 13.93
C PHE B 74 17.04 -7.74 15.28
N GLN B 75 18.32 -8.11 15.22
CA GLN B 75 19.16 -8.11 16.44
C GLN B 75 19.38 -6.70 16.93
N TYR B 76 19.60 -5.76 15.99
CA TYR B 76 19.74 -4.38 16.39
C TYR B 76 18.49 -3.84 17.03
N VAL B 77 17.31 -4.17 16.43
CA VAL B 77 16.10 -3.63 17.03
C VAL B 77 15.95 -4.12 18.51
N LYS B 78 16.30 -5.39 18.70
CA LYS B 78 16.24 -6.00 20.03
C LYS B 78 17.25 -5.34 20.98
N GLU B 79 18.54 -5.26 20.56
CA GLU B 79 19.54 -4.68 21.47
C GLU B 79 19.26 -3.22 21.75
N ASN B 80 18.65 -2.51 20.76
CA ASN B 80 18.37 -1.10 20.86
C ASN B 80 17.10 -0.77 21.59
N GLY B 81 16.19 -1.71 21.72
CA GLY B 81 14.92 -1.41 22.38
C GLY B 81 13.87 -0.72 21.52
N GLY B 82 14.15 -0.56 20.18
CA GLY B 82 13.19 0.13 19.31
C GLY B 82 13.72 0.38 17.92
N LEU B 83 12.83 0.91 17.07
CA LEU B 83 13.12 1.26 15.68
C LEU B 83 12.18 2.43 15.35
N ASP B 84 12.75 3.53 14.82
CA ASP B 84 11.97 4.70 14.46
C ASP B 84 11.11 4.53 13.21
N SER B 85 10.05 5.31 13.14
CA SER B 85 9.20 5.37 11.94
C SER B 85 9.95 6.01 10.75
N GLU B 86 9.54 5.63 9.51
CA GLU B 86 10.09 6.31 8.35
C GLU B 86 9.79 7.81 8.41
N GLU B 87 8.59 8.18 8.87
CA GLU B 87 8.26 9.58 8.92
C GLU B 87 9.22 10.36 9.78
N SER B 88 9.63 9.82 10.92
CA SER B 88 10.53 10.54 11.81
C SER B 88 11.98 10.52 11.35
N TYR B 89 12.37 9.45 10.63
CA TYR B 89 13.78 9.17 10.25
C TYR B 89 13.77 8.80 8.78
N PRO B 90 13.67 9.78 7.89
CA PRO B 90 13.59 9.55 6.44
C PRO B 90 14.80 8.95 5.76
N TYR B 91 14.51 8.25 4.63
CA TYR B 91 15.53 7.54 3.86
C TYR B 91 16.22 8.41 2.81
N VAL B 92 17.52 8.55 2.85
CA VAL B 92 18.26 9.35 1.90
C VAL B 92 19.26 8.56 1.08
N ALA B 93 19.30 7.21 1.25
CA ALA B 93 20.11 6.30 0.40
C ALA B 93 21.60 6.52 0.43
N VAL B 94 22.12 6.89 1.59
CA VAL B 94 23.56 6.99 1.82
C VAL B 94 23.83 6.65 3.25
N ASP B 95 25.06 6.26 3.56
CA ASP B 95 25.40 6.04 4.95
C ASP B 95 25.52 7.37 5.74
N GLU B 96 24.89 7.49 6.88
CA GLU B 96 24.94 8.72 7.71
C GLU B 96 25.09 8.37 9.18
N ILE B 97 25.34 9.38 10.02
CA ILE B 97 25.48 9.19 11.46
C ILE B 97 24.14 8.84 12.07
N CYS B 98 24.17 7.90 13.02
CA CYS B 98 22.96 7.47 13.69
C CYS B 98 22.24 8.62 14.38
N LYS B 99 20.92 8.67 14.17
CA LYS B 99 20.07 9.69 14.72
C LYS B 99 18.88 9.10 15.47
N TYR B 100 19.00 7.84 15.90
CA TYR B 100 17.89 7.20 16.60
C TYR B 100 17.42 7.94 17.88
N ARG B 101 16.09 8.07 18.06
CA ARG B 101 15.50 8.62 19.27
C ARG B 101 14.44 7.65 19.76
N PRO B 102 14.53 7.24 21.03
CA PRO B 102 13.52 6.32 21.56
C PRO B 102 12.09 6.90 21.48
N GLU B 103 11.95 8.23 21.58
CA GLU B 103 10.67 8.94 21.55
C GLU B 103 9.96 8.72 20.22
N ASN B 104 10.75 8.41 19.15
CA ASN B 104 10.21 8.21 17.80
C ASN B 104 10.03 6.76 17.45
N SER B 105 10.32 5.83 18.38
CA SER B 105 10.19 4.40 18.08
C SER B 105 8.73 3.96 17.92
N VAL B 106 8.47 3.09 16.97
CA VAL B 106 7.11 2.56 16.78
C VAL B 106 7.15 1.05 16.63
N ALA B 107 8.31 0.42 16.88
CA ALA B 107 8.40 -1.02 16.75
C ALA B 107 9.44 -1.58 17.72
N GLN B 108 9.26 -2.86 18.06
CA GLN B 108 10.18 -3.58 18.92
C GLN B 108 10.19 -5.05 18.53
N ASP B 109 11.27 -5.74 18.84
CA ASP B 109 11.29 -7.19 18.68
C ASP B 109 12.22 -7.79 19.71
N THR B 110 12.02 -9.09 19.94
CA THR B 110 12.77 -9.84 20.94
C THR B 110 13.76 -10.74 20.32
N GLY B 111 13.96 -10.60 19.03
CA GLY B 111 14.86 -11.51 18.33
C GLY B 111 14.14 -11.99 17.07
N PHE B 112 14.47 -13.14 16.53
CA PHE B 112 13.86 -13.56 15.30
C PHE B 112 13.80 -15.08 15.21
N THR B 113 12.97 -15.56 14.33
CA THR B 113 12.81 -16.98 14.05
C THR B 113 13.31 -17.30 12.69
N VAL B 114 14.09 -18.38 12.56
CA VAL B 114 14.61 -18.81 11.27
C VAL B 114 13.80 -19.96 10.65
N VAL B 115 13.46 -19.89 9.38
CA VAL B 115 12.76 -20.98 8.70
C VAL B 115 13.80 -22.05 8.37
N ALA B 116 13.36 -23.34 8.35
CA ALA B 116 14.35 -24.42 8.10
C ALA B 116 15.02 -24.16 6.79
N PRO B 117 16.37 -24.14 6.78
CA PRO B 117 17.03 -23.88 5.49
C PRO B 117 16.74 -24.79 4.35
N GLY B 118 16.58 -24.23 3.15
CA GLY B 118 16.35 -25.00 1.95
C GLY B 118 14.97 -25.65 1.88
N LYS B 119 14.10 -25.43 2.88
CA LYS B 119 12.82 -26.13 2.81
C LYS B 119 11.66 -25.22 2.37
N GLU B 120 11.30 -25.33 1.11
CA GLU B 120 10.20 -24.53 0.58
C GLU B 120 8.89 -24.84 1.24
N LYS B 121 8.69 -26.10 1.73
CA LYS B 121 7.42 -26.38 2.41
C LYS B 121 7.43 -25.71 3.77
N ALA B 122 8.61 -25.55 4.41
CA ALA B 122 8.63 -24.85 5.68
C ALA B 122 8.30 -23.35 5.45
N LEU B 123 8.86 -22.80 4.35
CA LEU B 123 8.60 -21.42 4.02
C LEU B 123 7.14 -21.22 3.70
N MET B 124 6.53 -22.17 2.97
CA MET B 124 5.13 -21.99 2.63
C MET B 124 4.30 -21.94 3.87
N LYS B 125 4.66 -22.78 4.87
CA LYS B 125 3.92 -22.81 6.12
C LYS B 125 4.11 -21.51 6.90
N ALA B 126 5.35 -20.97 6.91
CA ALA B 126 5.57 -19.73 7.63
C ALA B 126 4.83 -18.57 6.96
N VAL B 127 4.82 -18.51 5.60
CA VAL B 127 4.12 -17.43 4.90
C VAL B 127 2.61 -17.52 5.27
N ALA B 128 2.04 -18.78 5.24
CA ALA B 128 0.61 -18.91 5.52
C ALA B 128 0.23 -18.61 6.96
N THR B 129 1.12 -18.84 7.93
CA THR B 129 0.71 -18.65 9.33
C THR B 129 1.29 -17.48 10.11
N VAL B 130 2.33 -16.83 9.57
CA VAL B 130 2.98 -15.71 10.26
C VAL B 130 2.70 -14.36 9.61
N GLY B 131 2.85 -14.32 8.28
CA GLY B 131 2.75 -13.07 7.56
C GLY B 131 3.96 -12.99 6.64
N PRO B 132 4.31 -11.78 6.14
CA PRO B 132 5.47 -11.63 5.24
C PRO B 132 6.78 -12.08 5.89
N ILE B 133 7.62 -12.70 5.05
CA ILE B 133 8.87 -13.32 5.51
C ILE B 133 10.09 -12.71 4.74
N SER B 134 11.10 -12.34 5.51
CA SER B 134 12.33 -11.87 4.88
C SER B 134 13.11 -13.04 4.24
N VAL B 135 13.59 -12.92 3.04
CA VAL B 135 14.35 -14.00 2.41
C VAL B 135 15.50 -13.39 1.64
N ALA B 136 16.52 -14.20 1.45
CA ALA B 136 17.66 -13.87 0.62
C ALA B 136 17.52 -14.53 -0.73
N MET B 137 18.04 -14.03 -1.80
CA MET B 137 17.92 -14.67 -3.10
C MET B 137 19.13 -14.33 -4.03
N ASP B 138 19.28 -15.01 -5.13
CA ASP B 138 20.28 -14.69 -6.09
C ASP B 138 19.56 -13.80 -7.14
N ALA B 139 19.86 -12.49 -7.08
CA ALA B 139 19.30 -11.51 -8.01
C ALA B 139 20.34 -11.10 -9.03
N GLY B 140 21.52 -11.77 -9.02
CA GLY B 140 22.64 -11.39 -9.88
C GLY B 140 22.56 -11.76 -11.34
N HIS B 141 21.43 -11.51 -12.00
CA HIS B 141 21.30 -11.87 -13.40
C HIS B 141 20.54 -10.81 -14.13
N SER B 142 20.90 -10.53 -15.35
CA SER B 142 20.21 -9.52 -16.11
C SER B 142 18.73 -9.85 -16.29
N SER B 143 18.36 -11.11 -16.34
CA SER B 143 16.95 -11.49 -16.46
C SER B 143 16.13 -10.93 -15.29
N PHE B 144 16.72 -10.80 -14.12
CA PHE B 144 16.02 -10.26 -12.96
C PHE B 144 16.02 -8.76 -13.05
N GLN B 145 17.12 -8.12 -13.45
CA GLN B 145 17.09 -6.70 -13.58
C GLN B 145 16.02 -6.21 -14.56
N PHE B 146 15.78 -6.97 -15.63
CA PHE B 146 14.84 -6.64 -16.68
C PHE B 146 13.51 -7.37 -16.60
N TYR B 147 13.25 -8.05 -15.52
CA TYR B 147 11.99 -8.74 -15.34
C TYR B 147 10.77 -7.80 -15.43
N LYS B 148 9.72 -8.28 -16.06
CA LYS B 148 8.48 -7.54 -16.25
C LYS B 148 7.23 -8.28 -15.79
N SER B 149 7.05 -9.50 -16.14
CA SER B 149 5.80 -10.17 -15.81
C SER B 149 5.97 -11.63 -15.82
N GLY B 150 4.98 -12.36 -15.33
CA GLY B 150 5.05 -13.79 -15.36
C GLY B 150 5.88 -14.43 -14.26
N ILE B 151 6.08 -15.74 -14.35
CA ILE B 151 6.85 -16.44 -13.34
C ILE B 151 8.30 -16.39 -13.71
N TYR B 152 9.09 -15.80 -12.83
CA TYR B 152 10.53 -15.68 -13.05
C TYR B 152 11.22 -17.05 -12.86
N PHE B 153 11.98 -17.44 -13.88
CA PHE B 153 12.75 -18.66 -13.84
C PHE B 153 14.03 -18.41 -14.59
N GLU B 154 15.12 -18.43 -13.85
CA GLU B 154 16.44 -18.24 -14.41
C GLU B 154 17.31 -19.52 -14.25
N PRO B 155 17.66 -20.18 -15.36
CA PRO B 155 18.48 -21.40 -15.31
C PRO B 155 19.78 -21.27 -14.57
N ASP B 156 20.39 -20.11 -14.62
CA ASP B 156 21.67 -19.93 -13.97
C ASP B 156 21.54 -19.52 -12.51
N CYS B 157 20.33 -19.49 -11.98
CA CYS B 157 20.19 -19.06 -10.60
C CYS B 157 20.83 -19.98 -9.57
N SER B 158 21.40 -19.44 -8.56
CA SER B 158 22.00 -20.22 -7.48
C SER B 158 21.07 -20.23 -6.27
N SER B 159 21.05 -21.33 -5.52
CA SER B 159 20.26 -21.42 -4.30
C SER B 159 21.20 -21.31 -3.13
N LYS B 160 22.49 -21.09 -3.40
CA LYS B 160 23.53 -21.08 -2.35
C LYS B 160 24.24 -19.78 -2.22
N ASN B 161 24.52 -19.18 -3.39
CA ASN B 161 25.24 -17.92 -3.48
C ASN B 161 24.23 -16.81 -3.75
N LEU B 162 23.84 -16.20 -2.65
CA LEU B 162 22.78 -15.17 -2.65
C LEU B 162 23.37 -13.80 -2.43
N ASP B 163 22.68 -12.77 -2.96
CA ASP B 163 23.23 -11.41 -2.88
C ASP B 163 22.18 -10.34 -2.67
N HIS B 164 20.90 -10.69 -2.46
CA HIS B 164 19.82 -9.67 -2.37
C HIS B 164 18.76 -10.08 -1.40
N GLY B 165 18.39 -9.23 -0.49
CA GLY B 165 17.30 -9.50 0.48
C GLY B 165 16.01 -8.87 0.01
N VAL B 166 14.93 -9.66 0.05
CA VAL B 166 13.60 -9.28 -0.41
C VAL B 166 12.58 -9.80 0.61
N LEU B 167 11.26 -9.64 0.28
CA LEU B 167 10.15 -9.98 1.19
C LEU B 167 9.14 -10.81 0.49
N VAL B 168 8.91 -12.03 1.04
CA VAL B 168 7.85 -12.86 0.49
C VAL B 168 6.55 -12.48 1.16
N VAL B 169 5.62 -11.97 0.31
CA VAL B 169 4.31 -11.52 0.85
C VAL B 169 3.20 -12.54 0.50
N GLY B 170 3.54 -13.64 -0.16
CA GLY B 170 2.46 -14.59 -0.45
C GLY B 170 2.95 -15.66 -1.35
N TYR B 171 2.03 -16.42 -1.93
CA TYR B 171 2.34 -17.45 -2.91
C TYR B 171 1.06 -17.80 -3.68
N GLY B 172 1.18 -18.43 -4.78
CA GLY B 172 -0.02 -18.78 -5.53
C GLY B 172 0.30 -19.60 -6.75
N PHE B 173 -0.53 -19.56 -7.76
CA PHE B 173 -0.27 -20.34 -8.97
C PHE B 173 -0.94 -19.68 -10.16
N GLU B 174 -0.38 -19.88 -11.36
CA GLU B 174 -0.98 -19.38 -12.58
C GLU B 174 -1.78 -20.50 -13.19
N GLY B 175 -2.88 -20.18 -13.87
CA GLY B 175 -3.72 -21.22 -14.45
C GLY B 175 -4.73 -21.79 -13.48
N ALA B 176 -5.50 -22.80 -13.94
CA ALA B 176 -6.54 -23.40 -13.10
C ALA B 176 -6.06 -24.46 -12.11
N ASN B 177 -4.87 -25.07 -12.32
CA ASN B 177 -4.39 -26.10 -11.40
C ASN B 177 -3.45 -25.54 -10.35
N SER B 178 -3.82 -25.74 -9.07
CA SER B 178 -3.08 -25.22 -7.91
C SER B 178 -1.64 -25.73 -7.80
N GLN B 179 -1.39 -26.93 -8.30
CA GLN B 179 -0.03 -27.49 -8.27
C GLN B 179 0.76 -27.24 -9.56
N ASN B 180 0.20 -26.46 -10.51
CA ASN B 180 0.90 -26.15 -11.78
C ASN B 180 1.33 -24.71 -11.81
N SER B 181 2.58 -24.41 -12.21
CA SER B 181 3.04 -23.02 -12.27
C SER B 181 2.90 -22.28 -10.96
N LYS B 182 3.46 -22.85 -9.89
CA LYS B 182 3.40 -22.17 -8.60
C LYS B 182 4.42 -21.05 -8.45
N TYR B 183 4.12 -20.05 -7.65
CA TYR B 183 5.08 -18.99 -7.48
C TYR B 183 5.04 -18.41 -6.12
N TRP B 184 6.17 -17.78 -5.80
CA TRP B 184 6.31 -16.99 -4.58
C TRP B 184 6.02 -15.53 -4.97
N LEU B 185 5.24 -14.83 -4.14
N LEU B 185 5.23 -14.83 -4.16
CA LEU B 185 4.91 -13.42 -4.35
CA LEU B 185 4.95 -13.42 -4.42
C LEU B 185 5.97 -12.62 -3.62
C LEU B 185 5.94 -12.61 -3.62
N VAL B 186 6.82 -11.88 -4.37
CA VAL B 186 7.91 -11.16 -3.71
C VAL B 186 7.87 -9.64 -3.95
N LYS B 187 8.00 -8.92 -2.85
CA LYS B 187 8.12 -7.45 -2.83
C LYS B 187 9.61 -7.11 -2.93
N ASN B 188 9.97 -6.34 -3.95
CA ASN B 188 11.36 -5.87 -4.10
C ASN B 188 11.40 -4.42 -3.53
N SER B 189 12.63 -3.85 -3.55
CA SER B 189 12.90 -2.51 -3.06
C SER B 189 13.61 -1.69 -4.15
N TRP B 190 13.20 -1.83 -5.39
CA TRP B 190 13.80 -1.11 -6.47
C TRP B 190 12.80 -0.13 -7.08
N GLY B 191 11.77 0.26 -6.32
CA GLY B 191 10.74 1.18 -6.74
C GLY B 191 9.67 0.44 -7.49
N PRO B 192 8.50 1.14 -7.69
CA PRO B 192 7.37 0.53 -8.43
C PRO B 192 7.61 0.50 -9.95
N GLU B 193 8.61 1.18 -10.46
CA GLU B 193 8.84 1.13 -11.88
C GLU B 193 9.57 -0.18 -12.29
N TRP B 194 10.23 -0.87 -11.35
CA TRP B 194 10.88 -2.14 -11.62
C TRP B 194 9.87 -3.28 -11.63
N GLY B 195 10.10 -4.27 -12.48
CA GLY B 195 9.30 -5.49 -12.43
C GLY B 195 7.83 -5.29 -12.68
N SER B 196 7.01 -6.04 -11.92
CA SER B 196 5.56 -5.92 -12.02
C SER B 196 5.09 -4.99 -10.88
N ASN B 197 5.18 -3.71 -11.18
CA ASN B 197 4.87 -2.65 -10.20
C ASN B 197 5.59 -2.86 -8.88
N GLY B 198 6.88 -3.26 -8.99
CA GLY B 198 7.70 -3.45 -7.81
C GLY B 198 7.78 -4.82 -7.23
N TYR B 199 6.92 -5.72 -7.78
CA TYR B 199 6.84 -7.11 -7.34
C TYR B 199 7.34 -8.09 -8.43
N VAL B 200 7.57 -9.32 -7.95
CA VAL B 200 7.98 -10.36 -8.87
C VAL B 200 7.41 -11.69 -8.37
N LYS B 201 7.00 -12.52 -9.34
CA LYS B 201 6.58 -13.87 -9.08
C LYS B 201 7.82 -14.76 -9.35
N ILE B 202 8.26 -15.49 -8.33
CA ILE B 202 9.43 -16.36 -8.54
C ILE B 202 8.98 -17.83 -8.49
N ALA B 203 9.49 -18.65 -9.41
CA ALA B 203 9.08 -20.04 -9.46
C ALA B 203 9.16 -20.68 -8.11
N LYS B 204 8.06 -21.37 -7.71
CA LYS B 204 7.94 -22.02 -6.38
C LYS B 204 7.90 -23.55 -6.55
N ASP B 205 8.55 -24.25 -5.61
CA ASP B 205 8.65 -25.73 -5.64
C ASP B 205 9.37 -26.21 -6.84
N LYS B 206 10.37 -25.45 -7.28
CA LYS B 206 11.23 -25.83 -8.39
C LYS B 206 12.66 -25.81 -7.87
N ASN B 207 12.88 -26.65 -6.85
CA ASN B 207 14.17 -26.84 -6.21
C ASN B 207 14.76 -25.63 -5.57
N ASN B 208 13.95 -24.91 -4.78
CA ASN B 208 14.42 -23.71 -4.08
C ASN B 208 15.03 -22.70 -5.05
N HIS B 209 14.28 -22.37 -6.10
CA HIS B 209 14.79 -21.52 -7.15
C HIS B 209 15.29 -20.17 -6.62
N CYS B 210 16.50 -19.84 -7.02
CA CYS B 210 17.20 -18.60 -6.62
C CYS B 210 17.39 -18.50 -5.11
N GLY B 211 17.23 -19.61 -4.38
CA GLY B 211 17.52 -19.62 -2.95
C GLY B 211 16.53 -18.98 -1.99
N ILE B 212 15.28 -18.81 -2.48
N ILE B 212 15.25 -18.83 -2.55
CA ILE B 212 14.22 -18.13 -1.72
CA ILE B 212 14.29 -18.10 -1.70
C ILE B 212 14.01 -18.72 -0.33
C ILE B 212 14.07 -18.68 -0.32
N ALA B 213 14.17 -20.07 -0.17
CA ALA B 213 13.99 -20.70 1.12
C ALA B 213 15.31 -21.05 1.78
N THR B 214 16.43 -20.54 1.28
CA THR B 214 17.72 -20.92 1.89
C THR B 214 17.98 -20.23 3.21
N ALA B 215 17.61 -18.93 3.36
CA ALA B 215 17.93 -18.19 4.58
C ALA B 215 16.82 -17.20 4.88
N ALA B 216 15.62 -17.71 5.18
CA ALA B 216 14.41 -16.95 5.47
C ALA B 216 14.23 -16.76 6.93
N SER B 217 13.67 -15.61 7.37
CA SER B 217 13.49 -15.34 8.80
C SER B 217 12.41 -14.30 9.04
N TYR B 218 11.92 -14.19 10.25
CA TYR B 218 10.99 -13.12 10.60
C TYR B 218 11.21 -12.67 12.03
N PRO B 219 10.95 -11.44 12.39
CA PRO B 219 11.12 -10.91 13.77
C PRO B 219 10.05 -11.42 14.71
N ASN B 220 10.37 -11.55 16.00
CA ASN B 220 9.41 -11.94 17.01
C ASN B 220 8.97 -10.72 17.77
N VAL B 221 7.69 -10.33 17.64
CA VAL B 221 7.22 -9.11 18.31
C VAL B 221 6.39 -9.37 19.57
CL CL C . -24.48 18.83 6.03
CL CL D . 2.94 0.41 -4.04
CL CL E . 4.04 22.50 -3.83
C1 MPD F . -20.30 -11.63 -0.84
C2 MPD F . -19.09 -12.38 -0.30
O2 MPD F . -18.20 -12.63 -1.39
CM MPD F . -18.38 -11.53 0.74
C3 MPD F . -19.54 -13.72 0.29
C4 MPD F . -19.00 -14.99 -0.33
O4 MPD F . -20.00 -16.01 -0.27
C5 MPD F . -18.67 -14.75 -1.80
C1 GOL G . -18.87 17.16 -13.83
O1 GOL G . -17.65 17.66 -13.34
C2 GOL G . -19.92 17.19 -12.74
O2 GOL G . -20.09 15.89 -12.19
C3 GOL G . -19.46 18.16 -11.65
O3 GOL G . -18.27 17.70 -11.03
CL CL H . -19.01 14.89 -4.16
C1 GOL I . -10.30 22.41 4.24
O1 GOL I . -10.22 22.33 2.82
C2 GOL I . -8.92 22.15 4.85
O2 GOL I . -8.09 23.28 4.65
C3 GOL I . -8.98 21.83 6.34
O3 GOL I . -7.70 21.95 6.92
C1 MPD J . -14.55 7.57 -16.07
C2 MPD J . -15.36 6.30 -15.86
O2 MPD J . -14.99 5.71 -14.61
CM MPD J . -16.86 6.64 -15.80
C3 MPD J . -15.09 5.30 -16.98
C4 MPD J . -15.10 3.82 -16.62
O4 MPD J . -15.93 3.61 -15.47
C5 MPD J . -15.52 2.95 -17.81
C10 RN2 K . -18.74 10.37 -9.73
C13 RN2 K . -17.75 12.14 -8.26
C15 RN2 K . -21.97 10.38 -11.64
C20 RN2 K . -25.83 10.44 -10.11
C21 RN2 K . -26.88 10.94 -9.36
C22 RN2 K . -27.65 11.98 -9.85
C24 RN2 K . -26.23 12.11 -11.79
C01 RN2 K . -22.83 5.73 -14.72
C02 RN2 K . -21.46 5.43 -14.48
C03 RN2 K . -20.99 6.04 -13.16
C04 RN2 K . -19.53 5.77 -12.96
C05 RN2 K . -19.05 6.29 -11.58
C07 RN2 K . -19.92 8.45 -10.80
C09 RN2 K . -19.75 9.96 -10.83
C11 RN2 K . -18.62 11.83 -9.50
C12 RN2 K . -18.13 12.64 -10.76
C18 RN2 K . -24.25 10.57 -12.04
C19 RN2 K . -25.46 11.04 -11.31
C23 RN2 K . -27.32 12.57 -11.06
C25 RN2 K . -17.70 5.79 -11.23
N06 RN2 K . -19.09 7.75 -11.56
N14 RN2 K . -21.06 10.56 -10.69
O08 RN2 K . -20.70 7.94 -10.01
O16 RN2 K . -21.78 9.77 -12.68
O17 RN2 K . -23.14 10.76 -11.17
O26 RN2 K . -17.72 4.40 -11.07
H102 RN2 K . -19.01 9.94 -8.88
H101 RN2 K . -17.85 10.01 -9.97
H133 RN2 K . -17.72 13.11 -8.13
H131 RN2 K . -16.84 11.82 -8.41
H132 RN2 K . -18.13 11.72 -7.49
H201 RN2 K . -25.30 9.76 -9.76
H211 RN2 K . -27.12 10.53 -8.54
H221 RN2 K . -28.40 12.27 -9.38
H241 RN2 K . -25.99 12.53 -12.60
H013 RN2 K . -23.10 5.30 -15.57
H011 RN2 K . -22.94 6.69 -14.80
H012 RN2 K . -23.37 5.38 -14.00
H022 RN2 K . -21.34 4.45 -14.43
H021 RN2 K . -20.91 5.77 -15.21
H032 RN2 K . -21.13 7.01 -13.19
H031 RN2 K . -21.51 5.67 -12.41
H041 RN2 K . -19.37 4.81 -13.01
H042 RN2 K . -19.01 6.20 -13.68
H051 RN2 K . -19.70 5.96 -10.91
H091 RN2 K . -19.39 10.21 -11.72
H111 RN2 K . -19.54 12.16 -9.29
H121 RN2 K . -17.25 12.33 -11.02
H123 RN2 K . -18.11 13.59 -10.55
H122 RN2 K . -18.75 12.48 -11.50
H181 RN2 K . -24.13 11.09 -12.86
H182 RN2 K . -24.34 9.62 -12.26
H231 RN2 K . -27.85 13.27 -11.40
H1 RN2 K . -17.07 6.05 -11.95
H061 RN2 K . -18.69 8.11 -12.06
H141 RN2 K . -21.32 10.73 -9.97
H261 RN2 K . -17.94 4.04 -11.78
C1 MPD L . 21.34 -5.06 -9.96
C2 MPD L . 21.88 -6.38 -9.40
O2 MPD L . 20.83 -7.35 -9.43
CM MPD L . 23.01 -6.87 -10.31
C3 MPD L . 22.33 -6.21 -7.96
C4 MPD L . 22.35 -7.39 -7.04
O4 MPD L . 23.07 -8.46 -7.68
C5 MPD L . 22.94 -7.07 -5.69
CL CL M . 19.48 -12.55 7.30
C1 GOL N . 28.87 -9.71 13.90
O1 GOL N . 29.00 -8.53 14.69
C2 GOL N . 28.85 -10.95 14.77
O2 GOL N . 28.28 -10.64 16.03
C3 GOL N . 28.09 -12.11 14.14
O3 GOL N . 27.88 -13.16 15.08
C1 MPD O . 2.93 -13.20 17.91
C2 MPD O . 2.03 -11.96 17.92
O2 MPD O . 1.66 -11.68 19.27
CM MPD O . 2.81 -10.77 17.37
C3 MPD O . 0.78 -12.19 17.09
C4 MPD O . -0.20 -13.29 17.53
O4 MPD O . -1.45 -13.10 16.88
C5 MPD O . 0.33 -14.69 17.26
C1 GOL P . 14.91 10.48 14.27
O1 GOL P . 15.10 10.37 15.69
C2 GOL P . 15.66 11.66 13.64
O2 GOL P . 15.40 11.65 12.23
C3 GOL P . 15.28 13.02 14.23
O3 GOL P . 13.86 13.17 14.28
C1 GOL Q . 2.36 -2.42 -2.84
O1 GOL Q . 2.82 -2.67 -1.51
C2 GOL Q . 0.98 -1.85 -2.88
O2 GOL Q . 0.20 -2.53 -1.92
C3 GOL Q . 1.01 -0.38 -2.63
O3 GOL Q . 0.44 -0.04 -1.36
CL CL R . 2.01 -26.39 -2.86
C1 MPD S . 17.80 -1.10 -8.94
C2 MPD S . 18.84 -1.11 -10.05
O2 MPD S . 18.99 -2.44 -10.55
CM MPD S . 18.39 -0.20 -11.19
C3 MPD S . 20.18 -0.63 -9.49
C4 MPD S . 20.63 -1.18 -8.15
O4 MPD S . 19.58 -0.95 -7.20
C5 MPD S . 20.88 -2.68 -8.25
C1 GOL T . 20.04 -16.21 10.79
O1 GOL T . 21.15 -16.86 11.38
C2 GOL T . 20.09 -16.29 9.27
O2 GOL T . 20.39 -17.63 8.87
C3 GOL T . 18.74 -15.89 8.71
O3 GOL T . 18.07 -17.00 8.14
C10 RN2 U . 21.86 -9.39 1.53
C13 RN2 U . 20.48 -11.20 2.60
C15 RN2 U . 25.54 -8.73 1.75
C20 RN2 U . 27.73 -7.36 5.20
C21 RN2 U . 28.28 -7.37 6.46
C22 RN2 U . 29.28 -8.28 6.77
C24 RN2 U . 29.28 -9.05 4.49
C01 RN2 U . 27.40 -4.36 -1.80
C02 RN2 U . 26.13 -4.78 -2.45
C03 RN2 U . 25.12 -5.28 -1.39
C04 RN2 U . 23.72 -5.35 -2.04
C05 RN2 U . 22.64 -5.73 -1.04
C07 RN2 U . 23.11 -7.40 0.69
C09 RN2 U . 23.23 -8.89 1.03
C11 RN2 U . 21.87 -10.87 2.01
C12 RN2 U . 22.24 -11.88 0.93
C18 RN2 U . 27.61 -8.18 2.82
C19 RN2 U . 28.21 -8.19 4.20
C23 RN2 U . 29.78 -9.12 5.78
C25 RN2 U . 21.29 -5.57 -1.64
N06 RN2 U . 22.84 -7.14 -0.59
N14 RN2 U . 24.28 -9.09 2.04
O08 RN2 U . 23.21 -6.55 1.60
O16 RN2 U . 25.91 -8.31 0.68
O17 RN2 U . 26.25 -8.66 2.90
O26 RN2 U . 21.06 -4.19 -1.90
H102 RN2 U . 21.21 -9.31 0.80
H101 RN2 U . 21.56 -8.82 2.27
H133 RN2 U . 20.47 -12.12 2.89
H131 RN2 U . 19.80 -11.07 1.90
H132 RN2 U . 20.30 -10.61 3.35
H201 RN2 U . 27.01 -6.79 5.01
H211 RN2 U . 28.07 -6.68 7.07
H221 RN2 U . 29.58 -8.36 7.66
H241 RN2 U . 29.65 -9.58 3.82
H013 RN2 U . 27.23 -3.67 -1.13
H011 RN2 U . 28.01 -4.00 -2.48
H012 RN2 U . 27.81 -5.12 -1.36
H022 RN2 U . 26.30 -5.49 -3.09
H021 RN2 U . 25.74 -4.02 -2.92
H032 RN2 U . 25.08 -4.66 -0.63
H031 RN2 U . 25.38 -6.16 -1.06
H041 RN2 U . 23.51 -4.49 -2.44
H042 RN2 U . 23.74 -6.02 -2.76
H051 RN2 U . 22.73 -5.12 -0.25
H091 RN2 U . 23.48 -9.38 0.21
H111 RN2 U . 22.53 -10.97 2.75
H121 RN2 U . 21.62 -11.80 0.18
H123 RN2 U . 23.15 -11.69 0.62
H122 RN2 U . 22.20 -12.78 1.28
H181 RN2 U . 27.62 -7.27 2.47
H182 RN2 U . 28.14 -8.76 2.23
H231 RN2 U . 30.52 -9.67 5.97
H1 RN2 U . 21.25 -6.08 -2.49
H061 RN2 U . 22.78 -7.67 -1.05
H141 RN2 U . 24.19 -9.75 2.58
H261 RN2 U . 21.61 -3.87 -2.41
#